data_7JV1
#
_entry.id   7JV1
#
_cell.length_a   137.000
_cell.length_b   137.000
_cell.length_c   221.000
_cell.angle_alpha   90.000
_cell.angle_beta   90.000
_cell.angle_gamma   120.000
#
_symmetry.space_group_name_H-M   'P 61 2 2'
#
loop_
_entity.id
_entity.type
_entity.pdbx_description
1 polymer 'Kinase suppressor of Ras 1'
2 polymer 'Dual specificity mitogen-activated protein kinase kinase 1'
3 non-polymer 'PHOSPHOAMINOPHOSPHONIC ACID-ADENYLATE ESTER'
4 non-polymer 'MAGNESIUM ION'
5 non-polymer "N-(3-{3-cyclopropyl-5-[(2-fluoro-4-iodophenyl)amino]-6,8-dimethyl-2,4,7-trioxo-3,4,6,7-tetrahydropyrido[4,3-d]pyrimidin-1(2H)-yl}phenyl)-N'-methylsulfuric diamide"
#
loop_
_entity_poly.entity_id
_entity_poly.type
_entity_poly.pdbx_seq_one_letter_code
_entity_poly.pdbx_strand_id
1 'polypeptide(L)'
;MSYYHHHHHHDYDIPTTENLYFQGAPISRKASQTSVYLQEWDIPFEQVELGEPIGQGRWGRVHRGRWHGEVAIRLLEMDG
HNQDHLKLFKKEVMNYRQTRHENVVLFMGACMNPPHLAIITSFCKGRTLHSFVRDPKTSLDINKTRQIAQEIIKGMGYLH
AKGIVHKDLKSKNVFYDNGKVVITDFGLFGISGVVREGRRENQLKLSHDWLCYLAPEIVREMTPGKDEDQLPFSKAADVY
AFGTVWYELQARDWPLKNQAAEASIWQIGSGEGMKRVLTSVSLGKEVSEILSACWAFDLQERPSFSLLMDMLEKLPKLNR
RLSHPGHFWKSAEI
;
D
2 'polypeptide(L)'
;MSYYHHHHHHDYDIPTTENLYFQGAKKLEELELDEQQRKRLEAFLTQKQKVGELKDDDFEKISELGAGNGGVVFKVSHKP
SGLVMARKLIHLEIKPAIRNQIIRELQVLHECNSPYIVGFYGAFYSDGEISICMEHMDGGSLDQVLKKAGRIPEQILGKV
SIAVIKGLTYLREKHKIMHRDVKPSNILVNSRGEIKLCDFGVSGQLIDSMANSFVGTRSYMSPERLQGTHYSVQSDIWSM
GLSLVEMAVGRYPIPPPDAKELELMFGCQVEGDAAETPPRPRTPGRPLSSYGMDSRPPMAIFELLDYIVNEPPPKLPSAV
FSLEFQDFVNKCLIKNPAERADLKQLMVHAFIKRSDAEEVDFAGWLCSTIGLNQPSTPTHAAGV
;
C
#
# COMPACT_ATOMS: atom_id res chain seq x y z
N SER A 35 35.33 -7.69 -8.26
CA SER A 35 35.11 -8.40 -9.51
C SER A 35 35.36 -9.90 -9.37
N VAL A 36 34.31 -10.69 -9.60
CA VAL A 36 34.39 -12.14 -9.65
C VAL A 36 33.81 -12.57 -10.99
N TYR A 37 34.41 -13.58 -11.61
CA TYR A 37 34.04 -14.01 -12.94
C TYR A 37 33.56 -15.46 -12.91
N LEU A 38 33.12 -15.94 -14.09
CA LEU A 38 32.54 -17.28 -14.18
C LEU A 38 33.58 -18.39 -14.09
N GLN A 39 34.87 -18.08 -14.21
CA GLN A 39 35.86 -19.15 -14.18
C GLN A 39 36.26 -19.52 -12.76
N GLU A 40 35.65 -18.91 -11.74
CA GLU A 40 35.95 -19.22 -10.35
C GLU A 40 34.93 -20.16 -9.73
N TRP A 41 34.04 -20.74 -10.52
CA TRP A 41 32.86 -21.38 -9.97
C TRP A 41 32.96 -22.90 -10.07
N ASP A 42 32.28 -23.58 -9.16
CA ASP A 42 32.21 -25.04 -9.19
C ASP A 42 31.76 -25.55 -10.56
N ILE A 43 30.70 -24.97 -11.09
CA ILE A 43 30.11 -25.41 -12.36
C ILE A 43 30.99 -25.03 -13.54
N PRO A 44 31.38 -26.00 -14.36
CA PRO A 44 32.15 -25.70 -15.58
C PRO A 44 31.35 -24.80 -16.51
N PHE A 45 31.96 -23.68 -16.90
CA PHE A 45 31.29 -22.67 -17.71
C PHE A 45 31.90 -22.62 -19.10
N GLU A 46 31.04 -22.67 -20.12
CA GLU A 46 31.44 -22.53 -21.51
C GLU A 46 30.62 -21.44 -22.20
N GLN A 47 29.30 -21.51 -22.06
CA GLN A 47 28.40 -20.59 -22.73
C GLN A 47 27.13 -20.40 -21.90
N VAL A 48 26.41 -19.32 -22.19
CA VAL A 48 25.10 -19.08 -21.58
C VAL A 48 24.29 -18.14 -22.46
N GLU A 49 23.13 -18.57 -22.93
CA GLU A 49 22.29 -17.76 -23.80
C GLU A 49 21.04 -17.33 -23.05
N LEU A 50 20.75 -16.04 -23.10
CA LEU A 50 19.51 -15.52 -22.54
C LEU A 50 18.32 -15.99 -23.35
N GLY A 51 17.19 -16.17 -22.67
CA GLY A 51 15.94 -16.44 -23.35
C GLY A 51 14.90 -15.41 -22.97
N GLU A 52 13.63 -15.82 -22.95
CA GLU A 52 12.57 -14.88 -22.62
C GLU A 52 12.60 -14.54 -21.13
N PRO A 53 12.39 -13.29 -20.75
CA PRO A 53 12.17 -12.97 -19.35
C PRO A 53 10.86 -13.56 -18.86
N ILE A 54 10.73 -13.69 -17.55
CA ILE A 54 9.55 -14.31 -16.97
C ILE A 54 9.09 -13.56 -15.74
N GLY A 55 9.46 -12.29 -15.64
CA GLY A 55 9.00 -11.47 -14.54
C GLY A 55 10.02 -10.48 -14.02
N GLN A 56 9.54 -9.29 -13.66
CA GLN A 56 10.36 -8.23 -13.09
C GLN A 56 9.96 -7.98 -11.64
N GLY A 57 10.94 -7.57 -10.84
CA GLY A 57 10.69 -7.25 -9.45
C GLY A 57 11.68 -6.21 -9.00
N ARG A 58 11.59 -5.83 -7.72
CA ARG A 58 12.54 -4.86 -7.19
C ARG A 58 13.94 -5.43 -7.04
N TRP A 59 14.15 -6.70 -7.35
CA TRP A 59 15.46 -7.32 -7.41
C TRP A 59 15.68 -7.80 -8.85
N GLY A 60 15.80 -6.85 -9.76
CA GLY A 60 16.11 -7.07 -11.14
C GLY A 60 15.09 -7.89 -11.90
N ARG A 61 15.56 -8.41 -13.05
CA ARG A 61 14.72 -9.13 -14.00
C ARG A 61 15.19 -10.57 -14.11
N VAL A 62 14.23 -11.50 -14.19
CA VAL A 62 14.49 -12.92 -14.23
C VAL A 62 14.20 -13.42 -15.65
N HIS A 63 15.17 -14.08 -16.25
CA HIS A 63 15.07 -14.60 -17.61
C HIS A 63 15.15 -16.12 -17.63
N ARG A 64 14.28 -16.75 -18.42
CA ARG A 64 14.46 -18.15 -18.75
C ARG A 64 15.73 -18.26 -19.57
N GLY A 65 16.72 -18.96 -19.05
CA GLY A 65 17.95 -19.02 -19.80
C GLY A 65 18.31 -20.41 -20.30
N ARG A 66 19.54 -20.57 -20.81
CA ARG A 66 20.04 -21.88 -21.23
C ARG A 66 21.52 -21.95 -20.88
N TRP A 67 21.86 -22.78 -19.90
CA TRP A 67 23.27 -22.98 -19.58
C TRP A 67 23.88 -23.83 -20.67
N HIS A 68 23.79 -27.56 -21.20
CA HIS A 68 22.62 -28.03 -21.90
C HIS A 68 21.54 -28.27 -20.86
N GLY A 69 21.09 -27.17 -20.27
CA GLY A 69 20.07 -27.19 -19.24
C GLY A 69 19.57 -25.79 -19.01
N GLU A 70 18.27 -25.64 -18.79
CA GLU A 70 17.70 -24.31 -18.64
C GLU A 70 17.98 -23.76 -17.25
N VAL A 71 18.26 -22.45 -17.18
CA VAL A 71 18.62 -21.79 -15.93
C VAL A 71 17.82 -20.50 -15.80
N ALA A 72 17.79 -19.97 -14.58
CA ALA A 72 17.15 -18.70 -14.30
C ALA A 72 18.24 -17.66 -14.05
N ILE A 73 18.19 -16.55 -14.78
CA ILE A 73 19.22 -15.52 -14.71
C ILE A 73 18.59 -14.24 -14.18
N ARG A 74 19.09 -13.76 -13.05
CA ARG A 74 18.59 -12.54 -12.43
C ARG A 74 19.58 -11.42 -12.69
N LEU A 75 19.13 -10.36 -13.33
CA LEU A 75 20.00 -9.27 -13.76
C LEU A 75 19.85 -8.10 -12.80
N LEU A 76 20.98 -7.62 -12.28
CA LEU A 76 21.00 -6.56 -11.29
C LEU A 76 21.96 -5.45 -11.71
N GLU A 77 21.75 -4.29 -11.09
CA GLU A 77 22.65 -3.14 -11.20
C GLU A 77 22.94 -2.66 -9.79
N MET A 78 24.21 -2.33 -9.54
CA MET A 78 24.70 -1.96 -8.21
C MET A 78 25.22 -0.53 -8.25
N ASP A 79 24.42 0.39 -7.70
CA ASP A 79 24.88 1.77 -7.52
C ASP A 79 26.02 1.85 -6.51
N GLY A 80 26.09 0.89 -5.59
CA GLY A 80 27.17 0.88 -4.62
C GLY A 80 28.54 0.84 -5.24
N HIS A 81 29.06 2.02 -5.59
CA HIS A 81 30.34 2.15 -6.28
C HIS A 81 31.43 1.75 -5.28
N ASN A 82 31.60 0.43 -5.14
CA ASN A 82 32.64 -0.15 -4.29
C ASN A 82 32.53 0.45 -2.88
N GLN A 83 31.31 0.52 -2.38
CA GLN A 83 31.04 0.96 -1.01
C GLN A 83 30.76 -0.25 -0.12
N ASP A 84 31.71 -1.19 -0.11
CA ASP A 84 31.60 -2.44 0.62
C ASP A 84 30.48 -3.33 0.09
N HIS A 85 29.63 -2.79 -0.81
CA HIS A 85 28.59 -3.59 -1.43
C HIS A 85 29.17 -4.81 -2.13
N LEU A 86 30.13 -4.59 -3.02
CA LEU A 86 30.76 -5.70 -3.72
C LEU A 86 31.50 -6.62 -2.75
N LYS A 87 32.25 -6.02 -1.80
CA LYS A 87 32.90 -6.82 -0.77
C LYS A 87 31.90 -7.73 -0.06
N LEU A 88 30.77 -7.14 0.37
CA LEU A 88 29.70 -7.95 0.95
C LEU A 88 29.13 -8.92 -0.08
N PHE A 89 28.92 -8.44 -1.31
CA PHE A 89 28.39 -9.29 -2.37
C PHE A 89 29.32 -10.48 -2.63
N LYS A 90 30.62 -10.23 -2.73
CA LYS A 90 31.56 -11.35 -2.87
C LYS A 90 31.44 -12.31 -1.69
N LYS A 91 31.31 -11.76 -0.48
CA LYS A 91 31.14 -12.59 0.71
C LYS A 91 29.87 -13.41 0.61
N GLU A 92 28.73 -12.73 0.41
CA GLU A 92 27.45 -13.43 0.41
C GLU A 92 27.37 -14.43 -0.74
N VAL A 93 27.88 -14.06 -1.91
CA VAL A 93 27.80 -14.96 -3.05
C VAL A 93 28.66 -16.19 -2.79
N MET A 94 29.88 -15.99 -2.27
CA MET A 94 30.71 -17.13 -1.89
C MET A 94 30.01 -17.95 -0.84
N ASN A 95 29.24 -17.30 0.03
CA ASN A 95 28.43 -18.02 1.01
C ASN A 95 27.40 -18.90 0.32
N TYR A 96 26.76 -18.38 -0.74
CA TYR A 96 25.79 -19.22 -1.45
C TYR A 96 26.51 -20.42 -2.03
N ARG A 97 27.78 -20.26 -2.39
CA ARG A 97 28.55 -21.34 -2.96
C ARG A 97 28.60 -22.41 -1.86
N GLN A 98 29.20 -23.57 -2.12
CA GLN A 98 29.24 -24.67 -1.16
C GLN A 98 27.86 -25.08 -0.62
N THR A 99 26.82 -24.95 -1.43
CA THR A 99 25.48 -25.31 -0.99
C THR A 99 24.97 -26.35 -1.98
N ARG A 100 24.25 -27.34 -1.48
CA ARG A 100 23.51 -28.25 -2.34
C ARG A 100 22.51 -29.01 -1.49
N HIS A 101 21.26 -29.03 -1.91
CA HIS A 101 20.24 -29.74 -1.16
C HIS A 101 19.06 -29.96 -2.09
N GLU A 102 18.40 -31.11 -1.93
CA GLU A 102 17.34 -31.51 -2.86
C GLU A 102 16.11 -30.62 -2.76
N ASN A 103 15.95 -29.86 -1.67
CA ASN A 103 14.79 -29.01 -1.49
C ASN A 103 15.10 -27.53 -1.68
N VAL A 104 16.35 -27.17 -1.97
CA VAL A 104 16.77 -25.80 -2.23
C VAL A 104 17.27 -25.71 -3.67
N VAL A 105 17.00 -24.56 -4.32
CA VAL A 105 17.51 -24.28 -5.67
C VAL A 105 19.01 -24.48 -5.71
N LEU A 106 19.51 -24.98 -6.84
CA LEU A 106 20.95 -25.17 -7.02
C LEU A 106 21.54 -23.82 -7.43
N PHE A 107 22.21 -23.16 -6.49
CA PHE A 107 22.95 -21.95 -6.83
C PHE A 107 24.13 -22.34 -7.73
N MET A 108 24.18 -21.71 -8.91
CA MET A 108 25.16 -22.08 -9.94
C MET A 108 26.27 -21.05 -10.08
N GLY A 109 25.94 -19.81 -10.38
CA GLY A 109 26.95 -18.81 -10.62
C GLY A 109 26.48 -17.42 -10.31
N ALA A 110 27.46 -16.53 -10.19
CA ALA A 110 27.20 -15.11 -9.98
C ALA A 110 28.39 -14.38 -10.59
N CYS A 111 28.16 -13.80 -11.75
CA CYS A 111 29.15 -13.01 -12.48
C CYS A 111 28.84 -11.54 -12.27
N MET A 112 29.88 -10.74 -12.11
CA MET A 112 29.74 -9.31 -11.87
C MET A 112 30.68 -8.54 -12.78
N ASN A 113 30.10 -7.85 -13.75
CA ASN A 113 30.82 -6.88 -14.57
C ASN A 113 30.30 -5.52 -14.18
N PRO A 114 30.83 -4.93 -13.11
CA PRO A 114 30.15 -3.80 -12.47
C PRO A 114 29.90 -2.67 -13.46
N PRO A 115 28.79 -1.94 -13.29
CA PRO A 115 27.82 -2.06 -12.19
C PRO A 115 26.76 -3.14 -12.46
N HIS A 116 26.92 -3.85 -13.57
CA HIS A 116 25.95 -4.84 -14.02
C HIS A 116 26.30 -6.20 -13.45
N LEU A 117 25.38 -6.79 -12.69
CA LEU A 117 25.60 -8.08 -12.09
C LEU A 117 24.54 -9.06 -12.59
N ALA A 118 24.79 -10.34 -12.38
CA ALA A 118 23.86 -11.39 -12.78
C ALA A 118 24.01 -12.57 -11.85
N ILE A 119 22.89 -13.22 -11.54
CA ILE A 119 22.86 -14.37 -10.65
C ILE A 119 22.17 -15.51 -11.38
N ILE A 120 22.88 -16.60 -11.61
CA ILE A 120 22.38 -17.70 -12.42
C ILE A 120 22.02 -18.82 -11.47
N THR A 121 20.76 -19.26 -11.54
CA THR A 121 20.24 -20.33 -10.69
C THR A 121 19.65 -21.42 -11.57
N SER A 122 19.59 -22.63 -11.02
CA SER A 122 18.91 -23.71 -11.71
C SER A 122 17.44 -23.36 -11.91
N PHE A 123 16.90 -23.79 -13.04
CA PHE A 123 15.52 -23.46 -13.42
C PHE A 123 14.57 -24.53 -12.88
N CYS A 124 13.58 -24.10 -12.12
CA CYS A 124 12.58 -25.01 -11.58
C CYS A 124 11.41 -25.08 -12.56
N LYS A 125 11.17 -26.27 -13.10
CA LYS A 125 9.96 -26.49 -13.88
C LYS A 125 8.77 -26.61 -12.94
N GLY A 126 7.58 -26.58 -13.53
CA GLY A 126 6.39 -26.71 -12.74
C GLY A 126 5.86 -25.38 -12.25
N ARG A 127 4.89 -25.48 -11.35
CA ARG A 127 4.11 -24.35 -10.87
C ARG A 127 4.61 -23.88 -9.51
N THR A 128 4.50 -22.58 -9.27
CA THR A 128 4.76 -22.06 -7.94
C THR A 128 3.75 -22.65 -6.96
N LEU A 129 4.14 -22.72 -5.68
CA LEU A 129 3.20 -23.21 -4.68
C LEU A 129 2.00 -22.28 -4.55
N HIS A 130 2.23 -20.98 -4.76
CA HIS A 130 1.17 -19.98 -4.80
C HIS A 130 0.09 -20.37 -5.79
N SER A 131 0.43 -20.41 -7.08
CA SER A 131 -0.56 -20.77 -8.10
C SER A 131 -1.02 -22.22 -8.00
N PHE A 132 -0.27 -23.07 -7.30
CA PHE A 132 -0.64 -24.48 -7.19
C PHE A 132 -1.75 -24.67 -6.15
N VAL A 133 -1.57 -24.11 -4.96
CA VAL A 133 -2.53 -24.29 -3.87
C VAL A 133 -3.85 -23.58 -4.16
N ARG A 134 -3.83 -22.56 -5.01
CA ARG A 134 -5.03 -21.82 -5.35
C ARG A 134 -5.73 -22.34 -6.59
N ASP A 135 -5.25 -23.46 -7.15
CA ASP A 135 -5.94 -24.08 -8.27
C ASP A 135 -7.11 -24.89 -7.72
N PRO A 136 -8.32 -24.71 -8.26
CA PRO A 136 -9.46 -25.51 -7.76
C PRO A 136 -9.28 -27.01 -7.88
N LYS A 137 -8.75 -27.50 -9.00
CA LYS A 137 -8.64 -28.94 -9.24
C LYS A 137 -7.63 -29.63 -8.33
N THR A 138 -6.82 -28.89 -7.58
CA THR A 138 -5.81 -29.53 -6.73
C THR A 138 -6.43 -30.08 -5.45
N SER A 139 -6.02 -31.29 -5.08
CA SER A 139 -6.55 -32.01 -3.92
C SER A 139 -5.41 -32.26 -2.93
N LEU A 140 -5.30 -31.41 -1.92
CA LEU A 140 -4.32 -31.56 -0.85
C LEU A 140 -4.97 -32.10 0.42
N ASP A 141 -4.27 -32.98 1.11
CA ASP A 141 -4.75 -33.58 2.36
C ASP A 141 -3.68 -33.42 3.45
N ILE A 142 -3.99 -33.93 4.65
CA ILE A 142 -3.06 -33.81 5.78
C ILE A 142 -1.79 -34.61 5.54
N ASN A 143 -1.81 -35.57 4.62
CA ASN A 143 -0.58 -36.29 4.29
C ASN A 143 0.22 -35.52 3.26
N LYS A 144 -0.42 -35.15 2.15
CA LYS A 144 0.23 -34.32 1.15
C LYS A 144 0.75 -33.03 1.78
N THR A 145 -0.05 -32.41 2.66
CA THR A 145 0.35 -31.18 3.33
C THR A 145 1.54 -31.43 4.25
N ARG A 146 1.53 -32.55 4.99
CA ARG A 146 2.64 -32.86 5.88
C ARG A 146 3.92 -33.05 5.10
N GLN A 147 3.88 -33.88 4.06
CA GLN A 147 5.10 -34.16 3.29
C GLN A 147 5.66 -32.88 2.69
N ILE A 148 4.79 -32.00 2.17
CA ILE A 148 5.24 -30.74 1.59
C ILE A 148 5.98 -29.91 2.64
N ALA A 149 5.37 -29.74 3.81
CA ALA A 149 6.00 -28.96 4.87
C ALA A 149 7.35 -29.55 5.29
N GLN A 150 7.42 -30.87 5.43
CA GLN A 150 8.68 -31.53 5.79
C GLN A 150 9.79 -31.16 4.81
N GLU A 151 9.52 -31.29 3.51
CA GLU A 151 10.50 -30.93 2.48
C GLU A 151 11.00 -29.50 2.66
N ILE A 152 10.08 -28.56 2.89
CA ILE A 152 10.47 -27.16 3.05
C ILE A 152 11.37 -27.00 4.28
N ILE A 153 11.03 -27.66 5.39
CA ILE A 153 11.85 -27.56 6.59
C ILE A 153 13.23 -28.17 6.37
N LYS A 154 13.29 -29.31 5.67
CA LYS A 154 14.59 -29.90 5.37
C LYS A 154 15.48 -28.92 4.60
N GLY A 155 14.91 -28.24 3.61
CA GLY A 155 15.69 -27.24 2.89
C GLY A 155 16.06 -26.07 3.78
N MET A 156 15.07 -25.51 4.48
CA MET A 156 15.33 -24.39 5.38
C MET A 156 16.26 -24.77 6.52
N GLY A 157 16.26 -26.04 6.92
CA GLY A 157 17.19 -26.48 7.95
C GLY A 157 18.63 -26.42 7.47
N TYR A 158 18.88 -26.92 6.26
CA TYR A 158 20.20 -26.82 5.65
C TYR A 158 20.69 -25.37 5.69
N LEU A 159 19.85 -24.44 5.23
CA LEU A 159 20.24 -23.04 5.16
C LEU A 159 20.61 -22.49 6.54
N HIS A 160 19.80 -22.80 7.56
CA HIS A 160 20.11 -22.32 8.91
C HIS A 160 21.39 -22.96 9.44
N ALA A 161 21.59 -24.24 9.16
CA ALA A 161 22.83 -24.91 9.59
C ALA A 161 24.06 -24.22 9.00
N LYS A 162 23.96 -23.74 7.76
CA LYS A 162 25.03 -22.97 7.14
C LYS A 162 25.03 -21.51 7.55
N GLY A 163 24.24 -21.13 8.56
CA GLY A 163 24.19 -19.73 8.95
C GLY A 163 23.65 -18.81 7.90
N ILE A 164 22.90 -19.33 6.93
CA ILE A 164 22.35 -18.54 5.84
C ILE A 164 20.89 -18.23 6.18
N VAL A 165 20.61 -16.98 6.50
CA VAL A 165 19.25 -16.55 6.79
C VAL A 165 18.54 -16.30 5.46
N HIS A 166 17.48 -17.08 5.21
CA HIS A 166 16.67 -16.91 4.00
C HIS A 166 15.70 -15.75 4.25
N LYS A 167 16.19 -14.54 4.02
CA LYS A 167 15.29 -13.40 3.91
C LYS A 167 14.36 -13.62 2.73
N ASP A 168 13.12 -13.12 2.85
CA ASP A 168 12.13 -13.19 1.78
C ASP A 168 11.68 -14.62 1.49
N LEU A 169 11.13 -15.32 2.48
CA LEU A 169 10.48 -16.60 2.25
C LEU A 169 8.99 -16.39 2.12
N LYS A 170 8.40 -16.92 1.03
CA LYS A 170 6.98 -16.78 0.77
C LYS A 170 6.55 -17.84 -0.24
N SER A 171 5.24 -17.98 -0.40
CA SER A 171 4.68 -19.02 -1.28
C SER A 171 4.99 -18.77 -2.75
N LYS A 172 5.27 -17.52 -3.13
CA LYS A 172 5.66 -17.24 -4.50
C LYS A 172 7.07 -17.74 -4.80
N ASN A 173 7.89 -17.95 -3.78
CA ASN A 173 9.27 -18.39 -3.95
C ASN A 173 9.46 -19.86 -3.58
N VAL A 174 8.44 -20.69 -3.83
CA VAL A 174 8.51 -22.13 -3.60
C VAL A 174 7.85 -22.81 -4.80
N PHE A 175 8.51 -23.82 -5.36
CA PHE A 175 8.09 -24.46 -6.59
C PHE A 175 7.74 -25.92 -6.36
N TYR A 176 6.66 -26.39 -6.99
CA TYR A 176 6.21 -27.77 -6.89
C TYR A 176 6.10 -28.36 -8.29
N ASP A 177 6.63 -29.58 -8.46
CA ASP A 177 6.56 -30.29 -9.74
C ASP A 177 6.37 -31.77 -9.45
N ASN A 178 5.13 -32.26 -9.59
CA ASN A 178 4.72 -33.63 -9.36
C ASN A 178 5.50 -34.32 -8.24
N GLY A 179 5.60 -33.68 -7.09
CA GLY A 179 6.25 -34.25 -5.93
C GLY A 179 7.48 -33.49 -5.47
N LYS A 180 8.26 -32.98 -6.42
CA LYS A 180 9.50 -32.28 -6.08
C LYS A 180 9.17 -30.87 -5.60
N VAL A 181 9.80 -30.46 -4.51
CA VAL A 181 9.56 -29.17 -3.88
C VAL A 181 10.89 -28.45 -3.73
N VAL A 182 10.95 -27.20 -4.18
CA VAL A 182 12.20 -26.43 -4.19
C VAL A 182 11.93 -25.04 -3.63
N ILE A 183 12.92 -24.50 -2.89
CA ILE A 183 12.89 -23.14 -2.35
C ILE A 183 13.74 -22.24 -3.23
N THR A 184 13.33 -20.97 -3.37
CA THR A 184 13.91 -20.06 -4.34
C THR A 184 14.28 -18.73 -3.69
N ASP A 185 15.26 -18.04 -4.31
CA ASP A 185 15.56 -16.63 -4.02
C ASP A 185 15.95 -16.38 -2.57
N PHE A 186 16.73 -17.28 -1.99
CA PHE A 186 17.16 -17.10 -0.61
C PHE A 186 18.26 -16.04 -0.50
N GLY A 187 18.35 -15.45 0.69
CA GLY A 187 19.39 -14.48 1.04
C GLY A 187 19.53 -13.29 0.13
N LEU A 188 18.55 -13.07 -0.75
CA LEU A 188 18.65 -11.99 -1.73
C LEU A 188 18.58 -10.62 -1.08
N PHE A 189 17.85 -10.49 0.03
CA PHE A 189 17.67 -9.17 0.65
C PHE A 189 18.92 -8.64 1.33
N GLY A 190 19.94 -9.49 1.53
CA GLY A 190 21.18 -9.02 2.13
C GLY A 190 22.00 -8.11 1.22
N ILE A 191 21.62 -8.02 -0.05
CA ILE A 191 22.33 -7.23 -1.05
C ILE A 191 21.77 -5.80 -1.04
N SER A 192 22.65 -4.84 -1.34
CA SER A 192 22.26 -3.44 -1.31
C SER A 192 22.50 -2.84 -2.69
N GLY A 193 21.75 -3.35 -3.67
CA GLY A 193 21.78 -2.84 -5.02
C GLY A 193 20.65 -1.87 -5.27
N VAL A 194 20.78 -1.10 -6.35
CA VAL A 194 19.82 -0.03 -6.61
C VAL A 194 18.51 -0.65 -7.09
N VAL A 195 17.41 0.06 -6.84
CA VAL A 195 16.11 -0.35 -7.32
C VAL A 195 15.25 0.87 -7.64
N GLN A 203 7.66 7.54 0.02
CA GLN A 203 6.56 6.68 0.47
C GLN A 203 6.95 5.21 0.37
N LEU A 204 6.51 4.42 1.35
CA LEU A 204 6.90 3.03 1.44
C LEU A 204 6.29 2.22 0.31
N LYS A 205 6.94 1.12 -0.04
CA LYS A 205 6.57 0.32 -1.21
C LYS A 205 6.32 -1.11 -0.76
N LEU A 206 5.06 -1.45 -0.51
CA LEU A 206 4.73 -2.75 0.06
C LEU A 206 3.63 -3.42 -0.76
N SER A 207 3.71 -4.74 -0.87
CA SER A 207 2.64 -5.56 -1.44
C SER A 207 1.84 -6.17 -0.30
N HIS A 208 0.68 -6.75 -0.64
CA HIS A 208 -0.09 -7.43 0.38
C HIS A 208 0.41 -8.85 0.62
N ASP A 209 0.65 -9.59 -0.47
CA ASP A 209 1.13 -10.97 -0.34
C ASP A 209 2.40 -11.05 0.50
N TRP A 210 3.23 -9.99 0.48
CA TRP A 210 4.46 -9.99 1.27
C TRP A 210 4.21 -9.75 2.75
N LEU A 211 3.26 -8.87 3.10
CA LEU A 211 3.06 -8.52 4.50
C LEU A 211 2.65 -9.73 5.34
N CYS A 212 1.83 -10.61 4.77
CA CYS A 212 1.36 -11.77 5.53
C CYS A 212 2.50 -12.65 6.00
N TYR A 213 3.68 -12.54 5.38
CA TYR A 213 4.85 -13.31 5.78
C TYR A 213 5.80 -12.54 6.68
N LEU A 214 5.61 -11.23 6.85
CA LEU A 214 6.53 -10.42 7.63
C LEU A 214 6.20 -10.52 9.11
N ALA A 215 7.21 -10.86 9.91
CA ALA A 215 7.03 -10.96 11.35
C ALA A 215 6.92 -9.58 12.02
N PRO A 216 6.23 -9.52 13.16
CA PRO A 216 6.01 -8.22 13.82
C PRO A 216 7.28 -7.41 14.11
N GLU A 217 8.35 -8.07 14.57
CA GLU A 217 9.60 -7.36 14.85
C GLU A 217 10.05 -6.52 13.67
N ILE A 218 9.81 -7.00 12.45
CA ILE A 218 10.21 -6.24 11.27
C ILE A 218 9.25 -5.08 11.02
N VAL A 219 7.94 -5.33 11.14
CA VAL A 219 6.96 -4.30 10.79
C VAL A 219 7.11 -3.10 11.72
N ARG A 220 7.41 -3.34 13.00
CA ARG A 220 7.54 -2.22 13.93
C ARG A 220 8.74 -1.35 13.54
N GLU A 221 9.83 -1.98 13.11
CA GLU A 221 11.04 -1.25 12.75
C GLU A 221 10.92 -0.58 11.39
N MET A 222 9.87 -0.89 10.63
CA MET A 222 9.69 -0.31 9.31
C MET A 222 9.48 1.20 9.39
N THR A 223 10.14 1.92 8.50
CA THR A 223 10.07 3.38 8.45
C THR A 223 10.58 3.83 7.09
N PRO A 224 10.08 4.93 6.56
CA PRO A 224 10.57 5.44 5.27
C PRO A 224 12.07 5.77 5.32
N GLY A 225 12.66 5.83 4.13
CA GLY A 225 14.10 6.00 3.97
C GLY A 225 14.99 4.92 4.56
N LYS A 226 14.41 3.87 5.12
CA LYS A 226 15.17 2.75 5.66
C LYS A 226 15.19 1.61 4.64
N ASP A 227 16.36 0.99 4.49
CA ASP A 227 16.58 -0.04 3.49
C ASP A 227 16.39 -1.43 4.08
N GLU A 228 16.18 -2.41 3.19
CA GLU A 228 15.92 -3.78 3.60
C GLU A 228 17.03 -4.36 4.48
N ASP A 229 18.28 -3.94 4.24
CA ASP A 229 19.38 -4.50 5.03
C ASP A 229 19.20 -4.25 6.52
N GLN A 230 18.51 -3.16 6.88
CA GLN A 230 18.37 -2.78 8.29
C GLN A 230 17.30 -3.57 9.03
N LEU A 231 16.44 -4.31 8.33
CA LEU A 231 15.36 -4.96 9.05
C LEU A 231 15.89 -6.19 9.77
N PRO A 232 15.27 -6.59 10.89
CA PRO A 232 15.83 -7.70 11.68
C PRO A 232 15.39 -9.08 11.21
N PHE A 233 15.73 -9.41 9.97
CA PHE A 233 15.62 -10.81 9.55
C PHE A 233 16.54 -11.67 10.41
N SER A 234 16.09 -12.90 10.65
CA SER A 234 16.81 -13.83 11.51
C SER A 234 16.31 -15.22 11.19
N LYS A 235 16.92 -16.22 11.84
CA LYS A 235 16.38 -17.57 11.74
C LYS A 235 14.94 -17.59 12.23
N ALA A 236 14.64 -16.79 13.26
CA ALA A 236 13.27 -16.69 13.78
C ALA A 236 12.33 -15.98 12.81
N ALA A 237 12.80 -14.93 12.16
CA ALA A 237 11.98 -14.20 11.19
C ALA A 237 11.53 -15.10 10.04
N ASP A 238 12.34 -16.09 9.68
CA ASP A 238 12.00 -17.02 8.61
C ASP A 238 10.89 -17.99 9.01
N VAL A 239 10.92 -18.49 10.25
CA VAL A 239 9.91 -19.45 10.70
C VAL A 239 8.54 -18.81 10.84
N TYR A 240 8.50 -17.50 11.11
CA TYR A 240 7.21 -16.80 11.08
C TYR A 240 6.61 -16.87 9.67
N ALA A 241 7.39 -16.54 8.65
CA ALA A 241 6.89 -16.61 7.28
C ALA A 241 6.47 -18.03 6.92
N PHE A 242 7.10 -19.04 7.53
CA PHE A 242 6.65 -20.41 7.34
C PHE A 242 5.23 -20.62 7.89
N GLY A 243 4.87 -19.88 8.93
CA GLY A 243 3.52 -19.99 9.45
C GLY A 243 2.48 -19.53 8.45
N THR A 244 2.73 -18.38 7.81
CA THR A 244 1.84 -17.91 6.76
C THR A 244 1.78 -18.92 5.61
N VAL A 245 2.88 -19.62 5.34
CA VAL A 245 2.85 -20.71 4.37
C VAL A 245 1.98 -21.84 4.88
N TRP A 246 2.19 -22.25 6.13
CA TRP A 246 1.36 -23.30 6.73
C TRP A 246 -0.11 -22.95 6.69
N TYR A 247 -0.44 -21.68 6.93
CA TYR A 247 -1.82 -21.24 6.83
C TYR A 247 -2.35 -21.37 5.41
N GLU A 248 -1.55 -20.93 4.43
CA GLU A 248 -1.94 -21.06 3.04
C GLU A 248 -2.19 -22.52 2.67
N LEU A 249 -1.41 -23.43 3.23
CA LEU A 249 -1.61 -24.85 2.96
C LEU A 249 -2.96 -25.34 3.50
N GLN A 250 -3.47 -24.69 4.54
CA GLN A 250 -4.76 -25.02 5.13
C GLN A 250 -5.89 -24.25 4.47
N ALA A 251 -5.82 -22.91 4.51
CA ALA A 251 -6.92 -22.04 4.14
C ALA A 251 -7.00 -21.77 2.65
N ARG A 252 -5.98 -22.15 1.88
CA ARG A 252 -5.91 -21.92 0.43
C ARG A 252 -5.96 -20.43 0.10
N ASP A 253 -5.51 -19.60 1.03
CA ASP A 253 -5.45 -18.15 0.87
C ASP A 253 -4.50 -17.60 1.92
N TRP A 254 -4.25 -16.28 1.88
CA TRP A 254 -3.38 -15.72 2.90
C TRP A 254 -4.21 -15.23 4.08
N PRO A 255 -3.59 -15.06 5.26
CA PRO A 255 -4.40 -14.81 6.47
C PRO A 255 -5.25 -13.57 6.43
N LEU A 256 -4.76 -12.48 5.86
CA LEU A 256 -5.47 -11.22 5.92
C LEU A 256 -6.07 -10.96 4.55
N LYS A 257 -7.40 -11.02 4.46
CA LYS A 257 -8.10 -10.53 3.28
C LYS A 257 -7.56 -9.16 2.92
N ASN A 258 -7.44 -8.89 1.62
CA ASN A 258 -6.75 -7.68 1.18
C ASN A 258 -7.33 -6.44 1.84
N GLN A 259 -6.44 -5.67 2.47
CA GLN A 259 -6.76 -4.46 3.20
C GLN A 259 -5.75 -3.39 2.81
N ALA A 260 -6.02 -2.15 3.22
CA ALA A 260 -4.99 -1.13 3.20
C ALA A 260 -3.80 -1.58 4.04
N ALA A 261 -2.59 -1.45 3.47
CA ALA A 261 -1.41 -2.01 4.12
C ALA A 261 -1.29 -1.52 5.56
N GLU A 262 -1.68 -0.27 5.81
CA GLU A 262 -1.68 0.27 7.16
C GLU A 262 -2.47 -0.60 8.12
N ALA A 263 -3.64 -1.07 7.71
CA ALA A 263 -4.40 -2.00 8.54
C ALA A 263 -3.58 -3.25 8.82
N SER A 264 -2.99 -3.84 7.77
CA SER A 264 -2.17 -5.02 7.93
C SER A 264 -0.98 -4.76 8.84
N ILE A 265 -0.46 -3.52 8.82
CA ILE A 265 0.66 -3.17 9.70
C ILE A 265 0.25 -3.34 11.16
N TRP A 266 -0.77 -2.62 11.60
CA TRP A 266 -1.16 -2.68 13.00
C TRP A 266 -1.57 -4.10 13.38
N GLN A 267 -2.39 -4.75 12.55
CA GLN A 267 -2.84 -6.10 12.85
C GLN A 267 -1.66 -7.04 13.06
N ILE A 268 -0.59 -6.86 12.27
CA ILE A 268 0.60 -7.69 12.42
C ILE A 268 1.48 -7.18 13.55
N GLY A 269 1.84 -5.89 13.51
CA GLY A 269 2.72 -5.34 14.53
C GLY A 269 2.18 -5.43 15.94
N SER A 270 0.85 -5.41 16.10
CA SER A 270 0.27 -5.61 17.42
C SER A 270 0.20 -7.08 17.80
N GLY A 271 0.29 -7.97 16.82
CA GLY A 271 0.05 -9.39 17.06
C GLY A 271 -1.41 -9.75 17.19
N GLU A 272 -2.31 -8.77 17.32
CA GLU A 272 -3.73 -9.06 17.48
C GLU A 272 -4.30 -9.69 16.22
N GLY A 273 -3.85 -9.24 15.05
CA GLY A 273 -4.41 -9.74 13.80
C GLY A 273 -4.26 -11.23 13.66
N MET A 274 -3.04 -11.74 13.91
CA MET A 274 -2.81 -13.18 13.86
C MET A 274 -3.55 -13.91 14.97
N LYS A 275 -3.78 -13.26 16.11
CA LYS A 275 -4.58 -13.87 17.17
C LYS A 275 -6.03 -14.04 16.75
N ARG A 276 -6.59 -13.04 16.06
CA ARG A 276 -7.98 -13.13 15.62
C ARG A 276 -8.15 -14.24 14.59
N VAL A 277 -7.32 -14.25 13.54
CA VAL A 277 -7.48 -15.24 12.48
C VAL A 277 -7.20 -16.64 13.00
N LEU A 278 -6.41 -16.76 14.08
CA LEU A 278 -6.19 -18.06 14.69
C LEU A 278 -7.45 -18.54 15.39
N THR A 279 -8.18 -17.62 16.04
CA THR A 279 -9.44 -17.94 16.68
C THR A 279 -10.59 -18.01 15.67
N SER A 280 -10.54 -17.17 14.63
CA SER A 280 -11.68 -16.99 13.73
C SER A 280 -12.11 -18.31 13.10
N VAL A 281 -11.17 -19.23 12.88
CA VAL A 281 -11.50 -20.55 12.34
C VAL A 281 -10.61 -21.58 13.03
N SER A 282 -11.22 -22.67 13.49
CA SER A 282 -10.48 -23.77 14.05
C SER A 282 -10.16 -24.76 12.94
N LEU A 283 -9.06 -25.46 13.10
CA LEU A 283 -8.63 -26.47 12.15
C LEU A 283 -8.31 -27.79 12.81
N GLY A 284 -7.61 -27.76 13.94
CA GLY A 284 -7.22 -28.95 14.66
C GLY A 284 -6.15 -28.57 15.67
N LYS A 285 -6.24 -29.14 16.87
CA LYS A 285 -5.28 -28.78 17.91
C LYS A 285 -3.85 -29.03 17.44
N GLU A 286 -3.61 -30.17 16.80
CA GLU A 286 -2.28 -30.45 16.27
C GLU A 286 -1.90 -29.46 15.18
N VAL A 287 -2.81 -29.17 14.26
CA VAL A 287 -2.54 -28.18 13.21
C VAL A 287 -2.36 -26.80 13.83
N SER A 288 -3.34 -26.34 14.61
CA SER A 288 -3.28 -25.01 15.21
C SER A 288 -2.10 -24.88 16.18
N GLU A 289 -1.63 -25.99 16.75
CA GLU A 289 -0.47 -25.96 17.63
C GLU A 289 0.72 -25.31 16.95
N ILE A 290 1.08 -25.82 15.77
CA ILE A 290 2.27 -25.33 15.08
C ILE A 290 2.04 -23.97 14.45
N LEU A 291 0.80 -23.63 14.11
CA LEU A 291 0.54 -22.29 13.59
C LEU A 291 0.66 -21.24 14.69
N SER A 292 0.11 -21.52 15.87
CA SER A 292 0.35 -20.65 17.02
C SER A 292 1.83 -20.65 17.40
N ALA A 293 2.52 -21.77 17.19
CA ALA A 293 3.94 -21.84 17.49
C ALA A 293 4.77 -20.96 16.57
N CYS A 294 4.63 -21.14 15.25
CA CYS A 294 5.46 -20.38 14.32
C CYS A 294 5.21 -18.88 14.43
N TRP A 295 3.95 -18.50 14.62
CA TRP A 295 3.56 -17.10 14.68
C TRP A 295 3.70 -16.49 16.06
N ALA A 296 4.42 -17.14 16.97
CA ALA A 296 4.60 -16.61 18.31
C ALA A 296 5.10 -15.17 18.25
N PHE A 297 4.49 -14.30 19.04
CA PHE A 297 4.82 -12.88 19.01
C PHE A 297 6.24 -12.67 19.51
N ASP A 298 6.58 -13.28 20.64
CA ASP A 298 7.95 -13.22 21.16
C ASP A 298 8.80 -14.15 20.33
N LEU A 299 9.75 -13.58 19.58
CA LEU A 299 10.50 -14.37 18.60
C LEU A 299 11.18 -15.57 19.24
N GLN A 300 11.66 -15.40 20.47
CA GLN A 300 12.32 -16.50 21.17
C GLN A 300 11.36 -17.65 21.47
N GLU A 301 10.05 -17.38 21.48
CA GLU A 301 9.06 -18.44 21.66
C GLU A 301 8.79 -19.19 20.37
N ARG A 302 9.44 -18.82 19.26
CA ARG A 302 9.27 -19.53 18.00
C ARG A 302 10.24 -20.71 17.90
N PRO A 303 9.80 -21.86 17.43
CA PRO A 303 10.67 -23.04 17.40
C PRO A 303 11.74 -22.91 16.33
N SER A 304 12.78 -23.73 16.48
CA SER A 304 13.75 -23.91 15.42
C SER A 304 13.17 -24.83 14.34
N PHE A 305 13.86 -24.93 13.21
CA PHE A 305 13.36 -25.78 12.14
C PHE A 305 13.55 -27.25 12.48
N SER A 306 14.62 -27.60 13.18
CA SER A 306 14.81 -28.96 13.64
C SER A 306 13.67 -29.39 14.55
N LEU A 307 13.20 -28.49 15.41
CA LEU A 307 12.03 -28.77 16.25
C LEU A 307 10.79 -28.98 15.38
N LEU A 308 10.67 -28.21 14.30
CA LEU A 308 9.48 -28.32 13.45
C LEU A 308 9.43 -29.64 12.71
N MET A 309 10.59 -30.27 12.47
CA MET A 309 10.58 -31.59 11.85
C MET A 309 9.85 -32.60 12.73
N ASP A 310 10.11 -32.56 14.04
CA ASP A 310 9.43 -33.48 14.96
C ASP A 310 7.95 -33.17 15.06
N MET A 311 7.60 -31.89 15.16
CA MET A 311 6.19 -31.50 15.23
C MET A 311 5.40 -32.01 14.03
N LEU A 312 6.01 -31.97 12.84
CA LEU A 312 5.34 -32.48 11.66
C LEU A 312 5.22 -34.00 11.63
N GLU A 313 6.08 -34.70 12.38
CA GLU A 313 5.94 -36.16 12.46
C GLU A 313 4.73 -36.54 13.30
N LYS A 314 4.65 -36.04 14.53
CA LYS A 314 3.54 -36.36 15.41
C LYS A 314 2.25 -35.71 14.93
N LEU A 315 1.78 -36.09 13.74
CA LEU A 315 0.60 -35.50 13.12
C LEU A 315 -0.21 -36.59 12.45
N PRO A 316 -1.49 -36.32 12.14
CA PRO A 316 -2.33 -37.26 11.38
C PRO A 316 -1.69 -37.75 10.09
N LEU B 31 -29.46 16.67 -0.21
CA LEU B 31 -29.16 17.56 -1.32
C LEU B 31 -29.32 19.03 -0.94
N GLU B 32 -30.58 19.47 -0.93
CA GLU B 32 -30.95 20.87 -0.82
C GLU B 32 -30.19 21.72 -1.84
N LEU B 33 -30.37 21.33 -3.10
CA LEU B 33 -29.65 21.94 -4.21
C LEU B 33 -30.09 23.38 -4.41
N ASP B 34 -29.14 24.29 -4.57
CA ASP B 34 -29.54 25.65 -4.91
C ASP B 34 -29.71 25.75 -6.43
N GLU B 35 -30.25 26.90 -6.88
CA GLU B 35 -30.47 27.07 -8.32
C GLU B 35 -29.16 27.40 -9.02
N GLN B 36 -28.33 28.24 -8.40
CA GLN B 36 -27.04 28.60 -8.99
C GLN B 36 -26.11 27.41 -9.08
N GLN B 37 -26.18 26.49 -8.11
CA GLN B 37 -25.39 25.28 -8.19
C GLN B 37 -25.73 24.50 -9.45
N ARG B 38 -27.02 24.42 -9.79
CA ARG B 38 -27.43 23.87 -11.08
C ARG B 38 -26.77 24.62 -12.23
N LYS B 39 -26.84 25.96 -12.21
CA LYS B 39 -26.15 26.81 -13.18
C LYS B 39 -24.70 26.39 -13.45
N ARG B 40 -23.85 26.38 -12.41
CA ARG B 40 -22.43 26.19 -12.68
C ARG B 40 -22.10 24.75 -13.06
N LEU B 41 -22.83 23.78 -12.52
CA LEU B 41 -22.74 22.40 -13.02
C LEU B 41 -23.04 22.33 -14.52
N GLU B 42 -24.21 22.85 -14.92
CA GLU B 42 -24.66 22.79 -16.31
C GLU B 42 -23.69 23.47 -17.27
N ALA B 43 -23.07 24.58 -16.86
CA ALA B 43 -22.14 25.25 -17.77
C ALA B 43 -20.94 24.36 -18.07
N PHE B 44 -20.48 23.61 -17.08
CA PHE B 44 -19.48 22.57 -17.28
C PHE B 44 -19.96 21.42 -18.18
N LEU B 45 -21.18 20.91 -17.94
CA LEU B 45 -21.65 19.76 -18.71
C LEU B 45 -22.04 20.08 -20.14
N THR B 46 -22.21 21.35 -20.50
CA THR B 46 -22.26 21.68 -21.93
C THR B 46 -20.87 21.50 -22.54
N GLN B 47 -19.85 22.04 -21.86
CA GLN B 47 -18.46 21.87 -22.26
C GLN B 47 -18.04 20.40 -22.25
N LYS B 48 -18.77 19.55 -21.52
CA LYS B 48 -18.49 18.11 -21.48
C LYS B 48 -18.43 17.52 -22.88
N GLN B 49 -19.50 17.72 -23.67
CA GLN B 49 -19.61 17.10 -24.98
C GLN B 49 -18.57 17.61 -25.97
N LYS B 50 -17.82 18.65 -25.58
CA LYS B 50 -16.77 19.25 -26.42
C LYS B 50 -15.63 18.30 -26.74
N VAL B 51 -15.59 17.10 -26.14
CA VAL B 51 -14.70 16.04 -26.62
C VAL B 51 -15.44 14.72 -26.60
N GLY B 52 -15.01 13.81 -27.48
CA GLY B 52 -15.52 12.46 -27.51
C GLY B 52 -14.55 11.34 -27.16
N GLU B 53 -13.32 11.42 -27.65
CA GLU B 53 -12.31 10.38 -27.41
C GLU B 53 -11.02 10.97 -26.87
N LEU B 54 -10.22 10.11 -26.24
CA LEU B 54 -8.99 10.50 -25.57
C LEU B 54 -7.84 9.59 -25.95
N LYS B 55 -6.66 10.17 -26.11
CA LYS B 55 -5.45 9.41 -26.41
C LYS B 55 -4.23 10.17 -25.90
N ASP B 56 -3.16 9.41 -25.66
CA ASP B 56 -1.95 9.93 -25.03
C ASP B 56 -1.45 11.21 -25.69
N ASP B 57 -1.39 11.22 -27.02
CA ASP B 57 -0.79 12.33 -27.77
C ASP B 57 -1.63 13.59 -27.79
N ASP B 58 -2.85 13.57 -27.26
CA ASP B 58 -3.64 14.79 -27.16
C ASP B 58 -3.07 15.79 -26.16
N PHE B 59 -2.23 15.35 -25.24
CA PHE B 59 -1.86 16.10 -24.04
C PHE B 59 -0.41 16.57 -24.10
N GLU B 60 -0.16 17.80 -23.64
CA GLU B 60 1.20 18.29 -23.48
C GLU B 60 1.45 18.65 -22.01
N LYS B 61 2.47 18.03 -21.42
CA LYS B 61 2.88 18.27 -20.05
C LYS B 61 3.25 19.73 -19.80
N ILE B 62 2.50 20.40 -18.92
CA ILE B 62 2.81 21.78 -18.56
C ILE B 62 3.78 21.83 -17.37
N SER B 63 3.43 21.20 -16.26
CA SER B 63 4.34 21.13 -15.13
C SER B 63 3.96 19.96 -14.23
N GLU B 64 4.85 19.66 -13.29
CA GLU B 64 4.64 18.61 -12.31
C GLU B 64 4.03 19.19 -11.03
N LEU B 65 2.98 18.55 -10.54
CA LEU B 65 2.27 19.02 -9.35
C LEU B 65 2.87 18.39 -8.09
N GLY B 66 2.76 17.08 -7.94
CA GLY B 66 3.34 16.43 -6.79
C GLY B 66 3.47 14.93 -6.98
N ALA B 67 4.22 14.31 -6.09
CA ALA B 67 4.45 12.87 -6.09
C ALA B 67 3.65 12.20 -4.98
N GLY B 68 3.05 11.06 -5.30
CA GLY B 68 2.31 10.28 -4.32
C GLY B 68 2.52 8.78 -4.46
N GLY B 71 0.32 8.01 -6.86
CA GLY B 71 0.34 8.50 -8.23
C GLY B 71 0.84 9.93 -8.34
N VAL B 72 1.17 10.34 -9.56
CA VAL B 72 1.66 11.69 -9.83
C VAL B 72 0.69 12.36 -10.80
N VAL B 73 0.44 13.64 -10.57
CA VAL B 73 -0.53 14.41 -11.34
C VAL B 73 0.21 15.54 -12.06
N PHE B 74 -0.10 15.71 -13.35
CA PHE B 74 0.55 16.72 -14.19
C PHE B 74 -0.52 17.66 -14.74
N LYS B 75 -0.18 18.94 -14.87
CA LYS B 75 -0.99 19.85 -15.64
C LYS B 75 -0.80 19.63 -17.13
N VAL B 76 -1.89 19.42 -17.86
CA VAL B 76 -1.80 19.06 -19.27
C VAL B 76 -2.76 19.94 -20.06
N SER B 77 -2.42 20.15 -21.33
CA SER B 77 -3.24 20.82 -22.31
C SER B 77 -3.89 19.79 -23.23
N HIS B 78 -5.21 19.86 -23.40
CA HIS B 78 -5.85 19.01 -24.38
C HIS B 78 -5.88 19.77 -25.71
N LYS B 79 -5.55 19.08 -26.79
CA LYS B 79 -5.41 19.72 -28.09
C LYS B 79 -6.63 19.56 -29.01
N PRO B 80 -7.20 18.35 -29.17
CA PRO B 80 -8.48 18.25 -29.87
C PRO B 80 -9.54 19.26 -29.42
N SER B 81 -9.50 19.66 -28.16
CA SER B 81 -10.49 20.58 -27.60
C SER B 81 -9.81 21.47 -26.58
N GLY B 82 -10.22 22.74 -26.54
CA GLY B 82 -9.56 23.77 -25.75
C GLY B 82 -9.57 23.53 -24.26
N LEU B 83 -10.27 22.52 -23.76
CA LEU B 83 -10.31 22.26 -22.32
C LEU B 83 -8.92 21.99 -21.78
N VAL B 84 -8.58 22.62 -20.66
CA VAL B 84 -7.40 22.32 -19.86
C VAL B 84 -7.77 21.36 -18.74
N MET B 85 -7.04 20.25 -18.63
CA MET B 85 -7.37 19.21 -17.67
C MET B 85 -6.19 18.97 -16.73
N ALA B 86 -6.46 18.22 -15.66
CA ALA B 86 -5.45 17.65 -14.78
C ALA B 86 -5.29 16.16 -15.08
N ARG B 87 -4.08 15.74 -15.46
CA ARG B 87 -3.82 14.33 -15.75
C ARG B 87 -2.98 13.72 -14.64
N LYS B 88 -3.57 12.77 -13.91
CA LYS B 88 -2.92 12.00 -12.87
C LYS B 88 -2.48 10.66 -13.46
N LEU B 89 -1.25 10.24 -13.18
CA LEU B 89 -0.66 9.04 -13.78
C LEU B 89 -0.46 7.90 -12.78
N ILE B 90 -1.15 6.79 -13.00
CA ILE B 90 -1.03 5.58 -12.18
C ILE B 90 -0.38 4.49 -13.03
N HIS B 91 0.83 4.09 -12.65
CA HIS B 91 1.61 3.07 -13.35
C HIS B 91 1.13 1.65 -12.99
N LEU B 92 0.64 0.90 -13.99
CA LEU B 92 0.27 -0.49 -13.76
C LEU B 92 0.60 -1.36 -14.98
N GLU B 93 1.23 -2.50 -14.73
CA GLU B 93 1.48 -3.56 -15.73
C GLU B 93 0.60 -4.78 -15.43
N ILE B 94 -0.57 -4.87 -16.08
CA ILE B 94 -1.52 -5.95 -15.82
C ILE B 94 -2.19 -6.33 -17.14
N LYS B 95 -2.80 -7.52 -17.16
CA LYS B 95 -3.32 -8.14 -18.38
C LYS B 95 -4.60 -7.46 -18.88
N PRO B 96 -4.80 -7.45 -20.21
CA PRO B 96 -6.00 -6.86 -20.82
C PRO B 96 -7.37 -7.28 -20.27
N ALA B 97 -7.54 -8.56 -19.92
CA ALA B 97 -8.85 -9.07 -19.54
C ALA B 97 -9.42 -8.40 -18.29
N ILE B 98 -8.59 -8.10 -17.29
CA ILE B 98 -9.08 -7.42 -16.10
C ILE B 98 -9.48 -5.97 -16.42
N ARG B 99 -8.72 -5.28 -17.27
CA ARG B 99 -8.98 -3.87 -17.57
C ARG B 99 -10.42 -3.58 -18.00
N ASN B 100 -11.05 -4.46 -18.79
CA ASN B 100 -12.41 -4.14 -19.22
C ASN B 100 -13.38 -4.15 -18.05
N GLN B 101 -13.09 -4.96 -17.01
CA GLN B 101 -13.89 -4.96 -15.80
C GLN B 101 -13.73 -3.66 -15.02
N ILE B 102 -12.49 -3.18 -14.88
CA ILE B 102 -12.23 -1.90 -14.23
C ILE B 102 -12.95 -0.77 -14.94
N ILE B 103 -12.86 -0.73 -16.27
CA ILE B 103 -13.44 0.38 -17.04
C ILE B 103 -14.97 0.40 -16.93
N ARG B 104 -15.62 -0.77 -16.96
CA ARG B 104 -17.08 -0.75 -16.88
C ARG B 104 -17.58 -0.30 -15.50
N GLU B 105 -16.90 -0.70 -14.43
CA GLU B 105 -17.20 -0.11 -13.12
C GLU B 105 -16.91 1.39 -13.12
N LEU B 106 -15.81 1.80 -13.74
CA LEU B 106 -15.40 3.19 -13.80
C LEU B 106 -16.33 4.06 -14.64
N GLN B 107 -17.10 3.48 -15.56
CA GLN B 107 -17.99 4.29 -16.38
C GLN B 107 -19.10 4.96 -15.57
N VAL B 108 -19.46 4.39 -14.42
CA VAL B 108 -20.46 5.00 -13.54
C VAL B 108 -20.06 6.41 -13.11
N LEU B 109 -18.75 6.70 -13.04
CA LEU B 109 -18.31 8.01 -12.61
C LEU B 109 -18.74 9.14 -13.55
N HIS B 110 -18.96 8.86 -14.83
CA HIS B 110 -19.53 9.90 -15.69
C HIS B 110 -20.92 10.33 -15.24
N GLU B 111 -21.61 9.51 -14.43
CA GLU B 111 -22.97 9.84 -14.04
C GLU B 111 -22.98 10.80 -12.86
N CYS B 112 -22.09 10.61 -11.89
CA CYS B 112 -22.07 11.50 -10.74
C CYS B 112 -21.46 12.85 -11.12
N ASN B 113 -22.20 13.92 -10.83
CA ASN B 113 -21.73 15.27 -11.06
C ASN B 113 -22.27 16.16 -9.96
N SER B 114 -21.40 16.92 -9.31
CA SER B 114 -21.82 17.73 -8.18
C SER B 114 -20.85 18.90 -8.04
N PRO B 115 -21.32 20.05 -7.54
CA PRO B 115 -20.39 21.14 -7.22
C PRO B 115 -19.39 20.75 -6.14
N TYR B 116 -19.59 19.61 -5.49
CA TYR B 116 -18.72 19.14 -4.42
C TYR B 116 -17.87 17.97 -4.89
N ILE B 117 -17.95 17.63 -6.18
CA ILE B 117 -17.21 16.53 -6.79
C ILE B 117 -16.48 17.07 -8.01
N VAL B 118 -15.17 16.86 -8.07
CA VAL B 118 -14.38 17.27 -9.24
C VAL B 118 -14.97 16.64 -10.50
N GLY B 119 -15.13 17.44 -11.55
CA GLY B 119 -15.66 16.92 -12.79
C GLY B 119 -14.69 15.94 -13.42
N PHE B 120 -15.24 14.95 -14.11
CA PHE B 120 -14.46 13.88 -14.73
C PHE B 120 -14.62 13.95 -16.25
N TYR B 121 -13.52 13.75 -16.97
CA TYR B 121 -13.54 13.79 -18.44
C TYR B 121 -13.45 12.44 -19.12
N GLY B 122 -12.73 11.48 -18.56
CA GLY B 122 -12.64 10.18 -19.20
C GLY B 122 -11.51 9.37 -18.63
N ALA B 123 -11.53 8.08 -18.98
CA ALA B 123 -10.51 7.14 -18.54
C ALA B 123 -10.12 6.28 -19.73
N PHE B 124 -8.84 5.93 -19.81
CA PHE B 124 -8.35 5.08 -20.87
C PHE B 124 -7.10 4.34 -20.42
N TYR B 125 -6.67 3.40 -21.25
CA TYR B 125 -5.45 2.61 -21.02
C TYR B 125 -4.43 2.94 -22.09
N SER B 126 -3.17 3.11 -21.68
CA SER B 126 -2.11 3.39 -22.64
C SER B 126 -0.75 3.11 -22.03
N ASP B 127 0.05 2.31 -22.75
CA ASP B 127 1.47 2.05 -22.49
C ASP B 127 1.81 1.73 -21.03
N GLY B 128 1.06 0.80 -20.45
CA GLY B 128 1.35 0.38 -19.09
C GLY B 128 0.97 1.32 -17.97
N GLU B 129 -0.08 2.13 -18.16
CA GLU B 129 -0.49 3.10 -17.15
C GLU B 129 -1.85 3.69 -17.52
N ILE B 130 -2.76 3.76 -16.55
CA ILE B 130 -4.00 4.52 -16.72
C ILE B 130 -3.76 6.00 -16.45
N SER B 131 -4.14 6.84 -17.40
CA SER B 131 -4.13 8.28 -17.24
C SER B 131 -5.55 8.68 -16.88
N ILE B 132 -5.71 9.51 -15.86
CA ILE B 132 -7.01 10.12 -15.56
C ILE B 132 -6.93 11.63 -15.71
N CYS B 133 -7.68 12.15 -16.68
CA CYS B 133 -7.72 13.57 -16.98
C CYS B 133 -8.99 14.11 -16.33
N MET B 134 -8.85 15.15 -15.51
CA MET B 134 -9.98 15.67 -14.75
C MET B 134 -9.94 17.20 -14.70
N GLU B 135 -11.00 17.75 -14.10
CA GLU B 135 -11.12 19.19 -13.90
C GLU B 135 -9.91 19.75 -13.16
N HIS B 136 -9.35 20.83 -13.68
CA HIS B 136 -8.25 21.52 -13.04
C HIS B 136 -8.80 22.51 -12.02
N MET B 137 -8.39 22.36 -10.77
CA MET B 137 -8.79 23.25 -9.69
C MET B 137 -7.56 24.09 -9.35
N ASP B 138 -7.61 25.37 -9.68
CA ASP B 138 -6.44 26.24 -9.70
C ASP B 138 -5.85 26.54 -8.33
N GLY B 139 -6.50 26.16 -7.23
CA GLY B 139 -5.85 26.39 -5.96
C GLY B 139 -5.00 25.26 -5.42
N GLY B 140 -4.94 24.12 -6.10
CA GLY B 140 -4.22 22.97 -5.57
C GLY B 140 -4.83 22.30 -4.35
N SER B 141 -3.98 21.62 -3.60
CA SER B 141 -4.40 20.89 -2.42
C SER B 141 -4.25 21.74 -1.16
N LEU B 142 -5.01 21.35 -0.13
CA LEU B 142 -4.98 22.03 1.17
C LEU B 142 -3.64 21.87 1.87
N ASP B 143 -2.88 20.82 1.56
CA ASP B 143 -1.53 20.67 2.08
C ASP B 143 -0.61 21.78 1.61
N GLN B 144 -0.60 22.05 0.29
CA GLN B 144 0.26 23.09 -0.23
C GLN B 144 -0.21 24.49 0.14
N VAL B 145 -1.52 24.70 0.27
CA VAL B 145 -2.03 25.97 0.78
C VAL B 145 -1.61 26.21 2.23
N LEU B 146 -1.79 25.20 3.09
CA LEU B 146 -1.39 25.36 4.49
C LEU B 146 0.09 25.67 4.65
N LYS B 147 0.96 24.95 3.93
CA LYS B 147 2.39 25.23 3.96
C LYS B 147 2.71 26.70 3.67
N LYS B 148 2.03 27.28 2.68
CA LYS B 148 2.29 28.67 2.31
C LYS B 148 1.72 29.64 3.35
N ALA B 149 0.51 29.37 3.85
CA ALA B 149 -0.12 30.28 4.79
C ALA B 149 0.41 30.17 6.21
N GLY B 150 0.84 28.98 6.63
CA GLY B 150 1.21 28.79 8.02
C GLY B 150 0.09 28.22 8.86
N ARG B 151 -1.04 28.95 8.96
CA ARG B 151 -2.22 28.39 9.58
C ARG B 151 -3.45 28.80 8.78
N ILE B 152 -4.48 27.98 8.84
CA ILE B 152 -5.76 28.25 8.18
C ILE B 152 -6.74 28.73 9.24
N PRO B 153 -7.41 29.87 9.05
CA PRO B 153 -8.27 30.39 10.11
C PRO B 153 -9.56 29.61 10.25
N GLU B 154 -10.16 29.74 11.44
CA GLU B 154 -11.34 28.95 11.79
C GLU B 154 -12.48 29.17 10.80
N GLN B 155 -12.66 30.41 10.33
CA GLN B 155 -13.84 30.74 9.54
C GLN B 155 -13.79 30.12 8.16
N ILE B 156 -12.60 30.08 7.54
CA ILE B 156 -12.44 29.36 6.28
C ILE B 156 -12.74 27.87 6.47
N LEU B 157 -12.19 27.26 7.52
CA LEU B 157 -12.39 25.83 7.75
C LEU B 157 -13.85 25.47 7.97
N GLY B 158 -14.66 26.42 8.42
CA GLY B 158 -16.10 26.20 8.50
C GLY B 158 -16.75 26.01 7.14
N LYS B 159 -16.39 26.86 6.18
CA LYS B 159 -16.94 26.76 4.84
C LYS B 159 -16.53 25.47 4.15
N VAL B 160 -15.33 24.96 4.43
CA VAL B 160 -14.85 23.71 3.86
C VAL B 160 -15.69 22.53 4.37
N SER B 161 -16.01 22.53 5.66
CA SER B 161 -16.81 21.47 6.26
C SER B 161 -18.17 21.30 5.59
N ILE B 162 -18.88 22.40 5.33
CA ILE B 162 -20.21 22.29 4.70
C ILE B 162 -20.11 21.58 3.36
N ALA B 163 -19.14 21.96 2.53
CA ALA B 163 -19.00 21.35 1.21
C ALA B 163 -18.73 19.85 1.33
N VAL B 164 -17.87 19.46 2.28
CA VAL B 164 -17.54 18.05 2.47
C VAL B 164 -18.75 17.25 2.96
N ILE B 165 -19.48 17.80 3.94
CA ILE B 165 -20.65 17.10 4.49
C ILE B 165 -21.68 16.82 3.39
N LYS B 166 -21.95 17.80 2.54
CA LYS B 166 -22.96 17.61 1.51
C LYS B 166 -22.50 16.64 0.44
N GLY B 167 -21.19 16.61 0.13
CA GLY B 167 -20.68 15.62 -0.80
C GLY B 167 -20.87 14.20 -0.31
N LEU B 168 -20.56 13.94 0.96
CA LEU B 168 -20.71 12.59 1.51
C LEU B 168 -22.17 12.16 1.59
N THR B 169 -23.07 13.08 1.94
CA THR B 169 -24.50 12.76 1.94
C THR B 169 -24.98 12.34 0.56
N TYR B 170 -24.62 13.12 -0.46
CA TYR B 170 -24.95 12.75 -1.84
C TYR B 170 -24.51 11.33 -2.16
N LEU B 171 -23.25 11.01 -1.88
CA LEU B 171 -22.74 9.67 -2.19
C LEU B 171 -23.48 8.59 -1.41
N ARG B 172 -23.77 8.84 -0.14
CA ARG B 172 -24.54 7.87 0.64
C ARG B 172 -25.94 7.70 0.07
N GLU B 173 -26.65 8.81 -0.14
CA GLU B 173 -28.08 8.72 -0.45
C GLU B 173 -28.32 8.29 -1.89
N LYS B 174 -27.49 8.73 -2.84
CA LYS B 174 -27.77 8.44 -4.23
C LYS B 174 -27.01 7.22 -4.76
N HIS B 175 -25.80 6.96 -4.27
CA HIS B 175 -24.98 5.88 -4.83
C HIS B 175 -24.49 4.86 -3.82
N LYS B 176 -24.78 5.05 -2.52
CA LYS B 176 -24.36 4.12 -1.45
C LYS B 176 -22.85 3.88 -1.42
N ILE B 177 -22.05 4.92 -1.66
CA ILE B 177 -20.59 4.75 -1.67
C ILE B 177 -19.98 5.65 -0.60
N MET B 178 -19.02 5.09 0.13
CA MET B 178 -18.09 5.85 0.96
C MET B 178 -16.83 6.23 0.18
N HIS B 179 -16.18 7.30 0.64
CA HIS B 179 -15.00 7.83 -0.04
C HIS B 179 -13.79 6.91 0.16
N ARG B 180 -13.44 6.65 1.43
CA ARG B 180 -12.39 5.76 1.93
C ARG B 180 -11.00 6.40 1.97
N ASP B 181 -10.78 7.57 1.37
CA ASP B 181 -9.43 8.13 1.34
C ASP B 181 -9.49 9.66 1.34
N VAL B 182 -10.24 10.23 2.28
CA VAL B 182 -10.33 11.68 2.45
C VAL B 182 -9.08 12.19 3.16
N LYS B 183 -8.44 13.20 2.59
CA LYS B 183 -7.29 13.84 3.21
C LYS B 183 -6.97 15.13 2.45
N PRO B 184 -6.18 16.03 3.05
CA PRO B 184 -5.96 17.35 2.43
C PRO B 184 -5.39 17.32 1.02
N SER B 185 -4.54 16.36 0.69
CA SER B 185 -3.93 16.33 -0.64
C SER B 185 -4.95 16.03 -1.73
N ASN B 186 -6.14 15.55 -1.37
CA ASN B 186 -7.20 15.20 -2.32
C ASN B 186 -8.38 16.14 -2.20
N ILE B 187 -8.20 17.30 -1.57
CA ILE B 187 -9.19 18.36 -1.51
C ILE B 187 -8.67 19.54 -2.31
N LEU B 188 -9.37 19.86 -3.39
CA LEU B 188 -8.94 20.86 -4.36
C LEU B 188 -9.80 22.11 -4.27
N VAL B 189 -9.21 23.24 -4.66
CA VAL B 189 -9.82 24.56 -4.56
C VAL B 189 -9.62 25.29 -5.89
N ASN B 190 -10.43 26.32 -6.11
CA ASN B 190 -10.33 27.13 -7.32
C ASN B 190 -10.58 28.59 -6.97
N SER B 191 -10.39 29.48 -7.95
CA SER B 191 -10.49 30.91 -7.67
C SER B 191 -11.93 31.41 -7.62
N ARG B 192 -12.87 30.67 -8.21
CA ARG B 192 -14.29 30.94 -8.00
C ARG B 192 -14.75 30.62 -6.60
N GLY B 193 -14.04 29.75 -5.88
CA GLY B 193 -14.40 29.43 -4.52
C GLY B 193 -15.19 28.15 -4.37
N GLU B 194 -15.11 27.24 -5.35
CA GLU B 194 -15.74 25.94 -5.24
C GLU B 194 -14.78 24.95 -4.60
N ILE B 195 -15.35 23.93 -3.95
CA ILE B 195 -14.59 22.90 -3.26
C ILE B 195 -15.12 21.53 -3.66
N LYS B 196 -14.23 20.67 -4.16
CA LYS B 196 -14.65 19.42 -4.78
C LYS B 196 -13.77 18.29 -4.29
N LEU B 197 -14.39 17.14 -4.08
CA LEU B 197 -13.73 15.89 -3.69
C LEU B 197 -13.25 15.05 -4.86
N CYS B 198 -12.09 14.41 -4.69
CA CYS B 198 -11.54 13.52 -5.72
C CYS B 198 -11.16 12.16 -5.13
N ASP B 199 -10.49 11.32 -5.93
CA ASP B 199 -9.87 10.06 -5.51
C ASP B 199 -10.73 9.17 -4.59
N PHE B 200 -12.05 9.17 -4.79
CA PHE B 200 -12.94 8.30 -4.03
C PHE B 200 -13.04 6.91 -4.66
N GLY B 201 -13.57 5.97 -3.86
CA GLY B 201 -13.63 4.54 -4.15
C GLY B 201 -14.75 4.01 -5.01
N VAL B 202 -14.72 4.28 -6.32
CA VAL B 202 -15.79 3.83 -7.21
C VAL B 202 -15.73 2.34 -7.59
N SER B 203 -14.55 1.71 -7.66
CA SER B 203 -14.46 0.37 -8.26
C SER B 203 -14.04 -0.70 -7.25
N GLY B 204 -14.99 -1.57 -6.91
CA GLY B 204 -14.67 -2.72 -6.06
C GLY B 204 -13.64 -3.65 -6.66
N GLN B 205 -13.69 -3.85 -7.98
CA GLN B 205 -12.71 -4.71 -8.63
C GLN B 205 -11.32 -4.08 -8.60
N LEU B 206 -11.23 -2.77 -8.76
CA LEU B 206 -9.93 -2.10 -8.74
C LEU B 206 -9.26 -2.21 -7.37
N ILE B 207 -10.01 -2.06 -6.28
CA ILE B 207 -9.42 -2.26 -4.95
C ILE B 207 -8.80 -3.66 -4.88
N ASP B 208 -9.59 -4.69 -5.20
CA ASP B 208 -9.08 -6.06 -5.14
C ASP B 208 -7.95 -6.26 -6.13
N SER B 209 -8.08 -5.69 -7.33
CA SER B 209 -7.05 -5.91 -8.34
C SER B 209 -5.76 -5.16 -8.03
N MET B 210 -5.83 -4.09 -7.23
CA MET B 210 -4.62 -3.37 -6.84
C MET B 210 -3.90 -4.20 -5.79
N ALA B 211 -2.90 -4.98 -6.19
CA ALA B 211 -2.21 -5.82 -5.23
C ALA B 211 -1.36 -4.99 -4.27
N ASN B 212 -0.76 -3.91 -4.78
CA ASN B 212 0.34 -3.21 -4.12
C ASN B 212 -0.02 -1.79 -3.73
N SER B 213 -0.30 -1.54 -2.45
CA SER B 213 -0.63 -0.18 -2.08
C SER B 213 0.62 0.43 -1.44
N PHE B 214 0.68 1.76 -1.42
CA PHE B 214 1.85 2.47 -0.91
C PHE B 214 1.49 3.36 0.27
N VAL B 215 2.26 3.22 1.34
CA VAL B 215 2.11 3.97 2.57
C VAL B 215 3.23 5.01 2.64
N GLY B 216 2.97 6.09 3.36
CA GLY B 216 3.96 7.14 3.57
C GLY B 216 4.05 7.45 5.06
N THR B 217 4.18 8.74 5.38
CA THR B 217 4.49 9.09 6.77
C THR B 217 3.30 9.60 7.56
N ARG B 218 2.33 10.22 6.90
CA ARG B 218 1.09 10.63 7.54
C ARG B 218 -0.01 9.63 7.17
N SER B 219 -0.80 9.24 8.17
CA SER B 219 -1.99 8.41 7.95
C SER B 219 -3.23 9.10 8.50
N TYR B 220 -4.29 9.12 7.68
CA TYR B 220 -5.57 9.70 8.05
C TYR B 220 -6.65 8.65 8.22
N MET B 221 -6.26 7.38 8.29
CA MET B 221 -7.21 6.29 8.47
C MET B 221 -7.74 6.24 9.89
N SER B 222 -9.02 5.91 10.04
CA SER B 222 -9.65 5.83 11.35
C SER B 222 -9.17 4.60 12.13
N PRO B 223 -9.25 4.66 13.46
CA PRO B 223 -8.89 3.48 14.27
C PRO B 223 -9.59 2.19 13.90
N GLU B 224 -10.92 2.20 13.74
CA GLU B 224 -11.66 0.98 13.42
C GLU B 224 -11.16 0.37 12.12
N ARG B 225 -10.83 1.23 11.14
CA ARG B 225 -10.34 0.73 9.86
C ARG B 225 -8.96 0.12 10.02
N LEU B 226 -8.13 0.72 10.87
CA LEU B 226 -6.77 0.24 11.09
C LEU B 226 -6.72 -1.13 11.75
N GLN B 227 -7.76 -1.50 12.51
CA GLN B 227 -7.79 -2.81 13.14
C GLN B 227 -8.43 -3.88 12.26
N GLY B 228 -8.78 -3.55 11.01
CA GLY B 228 -9.28 -4.58 10.12
C GLY B 228 -10.65 -5.10 10.48
N THR B 229 -11.47 -4.28 11.12
CA THR B 229 -12.81 -4.66 11.53
C THR B 229 -13.84 -4.07 10.57
N HIS B 230 -15.11 -4.26 10.90
CA HIS B 230 -16.20 -3.79 10.04
C HIS B 230 -16.12 -2.27 10.00
N TYR B 231 -16.33 -1.69 8.83
CA TYR B 231 -16.31 -0.24 8.71
C TYR B 231 -17.37 0.29 7.76
N SER B 232 -17.66 1.58 7.90
CA SER B 232 -18.69 2.26 7.12
C SER B 232 -18.15 3.65 6.78
N VAL B 233 -19.07 4.55 6.39
CA VAL B 233 -18.72 5.94 6.12
C VAL B 233 -18.14 6.64 7.36
N GLN B 234 -18.40 6.08 8.55
CA GLN B 234 -17.88 6.65 9.79
C GLN B 234 -16.37 6.84 9.75
N SER B 235 -15.64 5.93 9.10
CA SER B 235 -14.20 6.06 9.02
C SER B 235 -13.81 7.30 8.22
N ASP B 236 -14.61 7.65 7.21
CA ASP B 236 -14.41 8.91 6.49
C ASP B 236 -14.63 10.12 7.39
N ILE B 237 -15.58 10.03 8.32
CA ILE B 237 -15.85 11.15 9.23
C ILE B 237 -14.65 11.43 10.12
N TRP B 238 -14.00 10.38 10.62
CA TRP B 238 -12.75 10.55 11.36
C TRP B 238 -11.72 11.29 10.52
N SER B 239 -11.53 10.85 9.26
CA SER B 239 -10.53 11.46 8.40
C SER B 239 -10.79 12.95 8.21
N MET B 240 -12.05 13.35 8.11
CA MET B 240 -12.36 14.77 7.98
C MET B 240 -11.97 15.52 9.24
N GLY B 241 -12.36 14.99 10.41
CA GLY B 241 -12.01 15.62 11.67
C GLY B 241 -10.52 15.80 11.84
N LEU B 242 -9.76 14.71 11.63
CA LEU B 242 -8.31 14.76 11.78
C LEU B 242 -7.67 15.70 10.78
N SER B 243 -8.16 15.69 9.54
CA SER B 243 -7.67 16.62 8.53
C SER B 243 -7.86 18.08 8.96
N LEU B 244 -9.00 18.39 9.56
CA LEU B 244 -9.28 19.76 9.99
C LEU B 244 -8.31 20.23 11.08
N VAL B 245 -7.99 19.38 12.04
CA VAL B 245 -7.05 19.75 13.09
C VAL B 245 -5.68 20.09 12.49
N GLU B 246 -5.18 19.25 11.58
CA GLU B 246 -3.89 19.52 10.94
C GLU B 246 -3.88 20.91 10.31
N MET B 247 -4.91 21.21 9.51
CA MET B 247 -4.97 22.47 8.79
C MET B 247 -5.18 23.66 9.72
N ALA B 248 -5.90 23.45 10.82
CA ALA B 248 -6.15 24.52 11.77
C ALA B 248 -4.88 24.93 12.51
N VAL B 249 -4.02 23.96 12.83
CA VAL B 249 -2.82 24.24 13.62
C VAL B 249 -1.55 24.34 12.79
N GLY B 250 -1.56 23.88 11.54
CA GLY B 250 -0.40 24.03 10.69
C GLY B 250 0.59 22.88 10.77
N ARG B 251 0.28 21.84 11.52
CA ARG B 251 1.14 20.68 11.69
C ARG B 251 0.29 19.44 11.77
N TYR B 252 0.77 18.35 11.19
CA TYR B 252 0.16 17.05 11.42
C TYR B 252 0.16 16.79 12.93
N PRO B 253 -1.01 16.58 13.54
CA PRO B 253 -1.13 16.75 14.99
C PRO B 253 -0.81 15.51 15.81
N ILE B 254 -0.30 14.45 15.19
CA ILE B 254 0.14 13.26 15.89
C ILE B 254 1.64 13.09 15.67
N PRO B 255 2.47 13.05 16.72
CA PRO B 255 2.03 13.21 18.11
C PRO B 255 1.76 14.68 18.49
N PRO B 256 0.91 14.90 19.50
CA PRO B 256 0.62 16.27 19.94
C PRO B 256 1.89 17.00 20.31
N PRO B 257 1.99 18.30 20.02
CA PRO B 257 3.10 19.08 20.56
C PRO B 257 3.02 19.22 22.07
N ASP B 258 4.18 19.42 22.68
CA ASP B 258 4.25 19.58 24.12
C ASP B 258 3.80 20.99 24.53
N ALA B 259 3.63 21.18 25.83
CA ALA B 259 3.19 22.47 26.36
C ALA B 259 4.01 23.63 25.78
N LYS B 260 5.33 23.56 25.91
CA LYS B 260 6.18 24.67 25.49
C LYS B 260 6.27 24.78 23.97
N GLU B 261 5.97 23.70 23.25
CA GLU B 261 5.96 23.71 21.80
C GLU B 261 4.72 24.36 21.20
N LEU B 262 3.56 24.21 21.85
CA LEU B 262 2.35 24.87 21.39
C LEU B 262 2.42 26.39 21.53
N GLU B 263 3.13 26.90 22.54
CA GLU B 263 3.33 28.34 22.63
C GLU B 263 4.08 28.86 21.41
N LEU B 264 5.21 28.23 21.07
CA LEU B 264 6.01 28.67 19.93
C LEU B 264 5.21 28.64 18.63
N MET B 265 4.25 27.73 18.51
CA MET B 265 3.46 27.56 17.30
C MET B 265 2.41 28.66 17.16
N PRO B 298 11.20 11.54 13.11
CA PRO B 298 11.93 10.29 13.34
C PRO B 298 11.11 9.26 14.11
N MET B 299 9.95 8.90 13.56
CA MET B 299 9.01 7.98 14.21
C MET B 299 8.54 6.95 13.20
N ALA B 300 8.66 5.68 13.56
CA ALA B 300 8.21 4.63 12.67
C ALA B 300 6.69 4.64 12.53
N ILE B 301 6.21 4.15 11.37
CA ILE B 301 4.79 4.22 11.04
C ILE B 301 3.93 3.50 12.07
N PHE B 302 4.39 2.34 12.56
CA PHE B 302 3.58 1.59 13.52
C PHE B 302 3.42 2.31 14.85
N GLU B 303 4.42 3.09 15.27
CA GLU B 303 4.28 3.85 16.50
C GLU B 303 3.18 4.89 16.34
N LEU B 304 3.10 5.50 15.16
CA LEU B 304 2.04 6.47 14.88
C LEU B 304 0.70 5.77 14.89
N LEU B 305 0.60 4.64 14.17
CA LEU B 305 -0.65 3.90 14.08
C LEU B 305 -1.12 3.42 15.45
N ASP B 306 -0.18 2.95 16.29
CA ASP B 306 -0.54 2.50 17.63
C ASP B 306 -0.99 3.67 18.50
N TYR B 307 -0.47 4.87 18.24
CA TYR B 307 -0.98 6.06 18.92
C TYR B 307 -2.45 6.28 18.60
N ILE B 308 -2.81 6.19 17.32
CA ILE B 308 -4.20 6.39 16.90
C ILE B 308 -5.12 5.38 17.59
N VAL B 309 -4.70 4.12 17.69
CA VAL B 309 -5.58 3.10 18.25
C VAL B 309 -5.71 3.24 19.77
N ASN B 310 -4.60 3.53 20.46
CA ASN B 310 -4.61 3.44 21.92
C ASN B 310 -4.58 4.77 22.64
N GLU B 311 -3.97 5.82 22.07
CA GLU B 311 -3.94 7.05 22.82
C GLU B 311 -5.16 7.92 22.53
N PRO B 312 -5.46 8.87 23.42
CA PRO B 312 -6.59 9.77 23.17
C PRO B 312 -6.41 10.54 21.87
N PRO B 313 -7.50 10.84 21.17
CA PRO B 313 -7.41 11.55 19.89
C PRO B 313 -6.90 12.97 20.10
N PRO B 314 -6.30 13.58 19.08
CA PRO B 314 -5.92 15.00 19.18
C PRO B 314 -7.14 15.88 19.38
N LYS B 315 -6.91 17.04 20.01
CA LYS B 315 -7.97 18.03 20.21
C LYS B 315 -7.42 19.42 19.94
N LEU B 316 -8.34 20.36 19.67
CA LEU B 316 -7.96 21.74 19.46
C LEU B 316 -7.62 22.40 20.80
N PRO B 317 -6.69 23.35 20.80
CA PRO B 317 -6.47 24.17 22.00
C PRO B 317 -7.72 24.93 22.41
N SER B 318 -7.88 25.11 23.72
CA SER B 318 -9.14 25.56 24.30
C SER B 318 -9.18 27.08 24.47
N ALA B 319 -8.06 27.75 24.25
CA ALA B 319 -7.98 29.21 24.40
C ALA B 319 -8.53 29.93 23.18
N VAL B 320 -8.04 29.57 21.99
CA VAL B 320 -8.07 30.46 20.83
C VAL B 320 -9.18 30.07 19.83
N PHE B 321 -10.02 29.10 20.17
CA PHE B 321 -11.03 28.63 19.23
C PHE B 321 -12.38 28.45 19.92
N SER B 322 -13.43 28.71 19.16
CA SER B 322 -14.79 28.62 19.68
C SER B 322 -15.15 27.19 20.09
N LEU B 323 -16.12 27.09 21.00
CA LEU B 323 -16.61 25.79 21.44
C LEU B 323 -17.29 25.03 20.31
N GLU B 324 -18.00 25.75 19.43
CA GLU B 324 -18.62 25.05 18.30
C GLU B 324 -17.57 24.37 17.44
N PHE B 325 -16.47 25.07 17.16
CA PHE B 325 -15.40 24.46 16.38
C PHE B 325 -14.72 23.33 17.14
N GLN B 326 -14.41 23.55 18.43
CA GLN B 326 -13.77 22.50 19.22
C GLN B 326 -14.68 21.29 19.40
N ASP B 327 -15.95 21.53 19.75
CA ASP B 327 -16.89 20.43 19.92
C ASP B 327 -17.14 19.66 18.62
N PHE B 328 -17.20 20.38 17.49
CA PHE B 328 -17.47 19.72 16.21
C PHE B 328 -16.39 18.68 15.90
N VAL B 329 -15.13 19.08 15.90
CA VAL B 329 -14.04 18.13 15.61
C VAL B 329 -14.01 17.01 16.64
N ASN B 330 -14.22 17.34 17.92
CA ASN B 330 -14.29 16.32 18.96
C ASN B 330 -15.34 15.26 18.63
N LYS B 331 -16.52 15.69 18.19
CA LYS B 331 -17.56 14.74 17.80
C LYS B 331 -17.16 13.92 16.58
N CYS B 332 -16.32 14.49 15.70
CA CYS B 332 -15.86 13.75 14.53
C CYS B 332 -14.82 12.70 14.88
N LEU B 333 -14.03 12.91 15.94
CA LEU B 333 -12.89 12.05 16.25
C LEU B 333 -13.15 11.12 17.43
N ILE B 334 -14.42 10.94 17.82
CA ILE B 334 -14.75 9.88 18.78
C ILE B 334 -14.34 8.54 18.18
N LYS B 335 -13.56 7.77 18.93
CA LYS B 335 -12.98 6.55 18.39
C LYS B 335 -14.04 5.47 18.16
N ASN B 336 -15.01 5.36 19.05
CA ASN B 336 -16.12 4.43 18.85
C ASN B 336 -17.03 4.99 17.77
N PRO B 337 -17.07 4.38 16.58
CA PRO B 337 -17.87 4.95 15.47
C PRO B 337 -19.37 5.01 15.75
N ALA B 338 -19.90 4.17 16.66
CA ALA B 338 -21.31 4.28 17.01
C ALA B 338 -21.62 5.57 17.74
N GLU B 339 -20.66 6.13 18.48
CA GLU B 339 -20.89 7.39 19.16
C GLU B 339 -20.43 8.58 18.34
N ARG B 340 -19.50 8.37 17.42
CA ARG B 340 -19.09 9.41 16.49
C ARG B 340 -20.32 9.94 15.76
N ALA B 341 -20.37 11.25 15.58
CA ALA B 341 -21.48 11.84 14.84
C ALA B 341 -21.58 11.26 13.44
N ASP B 342 -22.81 11.14 12.95
CA ASP B 342 -23.08 10.79 11.57
C ASP B 342 -23.49 12.04 10.80
N LEU B 343 -23.64 11.89 9.48
CA LEU B 343 -23.93 13.04 8.63
C LEU B 343 -25.19 13.76 9.09
N LYS B 344 -26.20 12.99 9.51
CA LYS B 344 -27.45 13.62 9.95
C LYS B 344 -27.20 14.49 11.17
N GLN B 345 -26.38 14.00 12.11
CA GLN B 345 -26.06 14.76 13.32
C GLN B 345 -25.14 15.93 12.99
N LEU B 346 -24.17 15.70 12.10
CA LEU B 346 -23.23 16.74 11.69
C LEU B 346 -23.93 17.90 11.00
N MET B 347 -24.90 17.61 10.13
CA MET B 347 -25.63 18.65 9.42
C MET B 347 -26.24 19.69 10.33
N VAL B 348 -26.53 19.33 11.58
CA VAL B 348 -27.26 20.20 12.51
C VAL B 348 -26.37 20.78 13.60
N HIS B 349 -25.07 20.46 13.61
CA HIS B 349 -24.20 21.00 14.64
C HIS B 349 -24.11 22.52 14.57
N ALA B 350 -23.98 23.15 15.74
CA ALA B 350 -23.92 24.61 15.84
C ALA B 350 -22.79 25.21 14.99
N PHE B 351 -21.63 24.55 14.97
CA PHE B 351 -20.52 25.07 14.17
C PHE B 351 -20.89 25.18 12.70
N ILE B 352 -21.60 24.17 12.20
CA ILE B 352 -21.97 24.14 10.78
C ILE B 352 -23.05 25.18 10.50
N LYS B 353 -24.03 25.28 11.39
CA LYS B 353 -25.08 26.28 11.24
C LYS B 353 -24.51 27.70 11.18
N ARG B 354 -23.52 28.00 12.02
CA ARG B 354 -22.92 29.33 11.98
C ARG B 354 -22.21 29.57 10.65
N SER B 355 -21.34 28.64 10.25
CA SER B 355 -20.60 28.80 9.01
C SER B 355 -21.52 28.92 7.79
N ASP B 356 -22.59 28.12 7.77
CA ASP B 356 -23.49 28.13 6.61
C ASP B 356 -24.13 29.50 6.40
N ALA B 357 -24.50 30.17 7.47
CA ALA B 357 -25.07 31.51 7.39
C ALA B 357 -24.06 32.64 7.35
N GLU B 358 -22.75 32.36 7.40
CA GLU B 358 -21.76 33.44 7.38
C GLU B 358 -21.43 33.85 5.96
N GLU B 359 -21.20 35.14 5.78
CA GLU B 359 -20.81 35.74 4.50
C GLU B 359 -19.30 35.95 4.46
N VAL B 360 -18.59 35.00 3.86
CA VAL B 360 -17.13 35.10 3.71
C VAL B 360 -16.82 34.98 2.23
N ASP B 361 -16.14 35.99 1.69
CA ASP B 361 -15.66 35.97 0.32
C ASP B 361 -14.42 35.09 0.27
N PHE B 362 -14.63 33.79 0.10
CA PHE B 362 -13.53 32.83 0.17
C PHE B 362 -12.55 33.03 -0.98
N ALA B 363 -13.05 33.29 -2.19
CA ALA B 363 -12.18 33.56 -3.33
C ALA B 363 -11.19 34.68 -3.02
N GLY B 364 -11.68 35.77 -2.45
CA GLY B 364 -10.79 36.89 -2.13
C GLY B 364 -9.70 36.53 -1.14
N TRP B 365 -10.04 35.79 -0.08
CA TRP B 365 -9.02 35.35 0.86
C TRP B 365 -7.97 34.48 0.17
N LEU B 366 -8.41 33.55 -0.69
CA LEU B 366 -7.47 32.65 -1.34
C LEU B 366 -6.51 33.42 -2.23
N CYS B 367 -7.04 34.27 -3.10
CA CYS B 367 -6.21 35.03 -4.02
C CYS B 367 -5.22 35.92 -3.27
N SER B 368 -5.69 36.58 -2.20
CA SER B 368 -4.84 37.50 -1.43
C SER B 368 -3.78 36.80 -0.58
N THR B 369 -4.06 35.62 -0.01
CA THR B 369 -3.00 34.99 0.77
C THR B 369 -1.98 34.25 -0.10
N ILE B 370 -2.40 33.72 -1.24
CA ILE B 370 -1.48 32.98 -2.11
C ILE B 370 -0.80 33.90 -3.11
N GLY B 371 -1.19 35.17 -3.17
CA GLY B 371 -0.62 36.13 -4.08
C GLY B 371 -1.02 35.78 -5.50
N LEU B 372 -2.33 35.58 -5.68
CA LEU B 372 -2.97 35.35 -6.97
C LEU B 372 -2.23 34.33 -7.83
#